data_8GWS
#
_entry.id   8GWS
#
_cell.length_a   67.025
_cell.length_b   67.025
_cell.length_c   241.303
_cell.angle_alpha   90.000
_cell.angle_beta   90.000
_cell.angle_gamma   120.000
#
_symmetry.space_group_name_H-M   'P 31 2 1'
#
loop_
_entity.id
_entity.type
_entity.pdbx_description
1 polymer 'Replicase polyprotein 1ab'
2 polymer VAL-LYS-LEU-GLN-ALA-ILE-PHE-ARG
#
loop_
_entity_poly.entity_id
_entity_poly.type
_entity_poly.pdbx_seq_one_letter_code
_entity_poly.pdbx_strand_id
1 'polypeptide(L)'
;SGFRKMAFPSGKVEGCMVQVTCGTTTLNGLWLDDVVYCPRHVICTSEDMLNPNYEDLLIRKSNHNFLVQAGNVQLRVIGH
SMQNCVLKLKVDTANPKTPKYKFVRIQPGQTFSVLACYNGSPSGVYQCAMRPNFTIKGSFLNGSAGSVGFNIDYDCVSFC
YMHHMELPTGVHAGTDLEGNFYGPFVDRQTAQAAGTDTTITVNVLAWLYAAVINGDRWFLNRFTTTLNDFNLVAMKYNYE
PLTQDHVDILGPLSAQTGIAVLDMCASLKELLQNGMNGRTILGSALLEDEFTPFDVVRQCSG
;
A,B
2 'polypeptide(L)' VKLQAIFR C,D
#
# COMPACT_ATOMS: atom_id res chain seq x y z
N SER A 1 -14.01 10.75 1.87
CA SER A 1 -13.01 11.63 1.29
C SER A 1 -11.61 11.07 1.49
N GLY A 2 -10.63 11.70 0.84
CA GLY A 2 -9.25 11.26 0.94
C GLY A 2 -8.81 10.43 -0.25
N PHE A 3 -7.57 10.66 -0.70
CA PHE A 3 -7.01 9.92 -1.83
C PHE A 3 -5.64 9.39 -1.41
N ARG A 4 -5.46 8.08 -1.53
CA ARG A 4 -4.23 7.42 -1.12
C ARG A 4 -3.89 6.31 -2.09
N LYS A 5 -2.59 6.04 -2.24
CA LYS A 5 -2.13 4.89 -3.01
C LYS A 5 -2.39 3.64 -2.20
N MET A 6 -3.49 2.94 -2.51
CA MET A 6 -3.90 1.77 -1.77
C MET A 6 -3.87 0.55 -2.69
N ALA A 7 -3.50 -0.59 -2.12
CA ALA A 7 -3.35 -1.83 -2.85
C ALA A 7 -4.54 -2.76 -2.58
N PHE A 8 -4.70 -3.75 -3.45
CA PHE A 8 -5.78 -4.71 -3.31
C PHE A 8 -5.54 -5.60 -2.10
N PRO A 9 -6.61 -6.10 -1.48
CA PRO A 9 -6.44 -7.07 -0.38
C PRO A 9 -5.75 -8.32 -0.88
N SER A 10 -4.56 -8.59 -0.32
CA SER A 10 -3.72 -9.68 -0.77
C SER A 10 -4.10 -11.03 -0.17
N GLY A 11 -5.22 -11.12 0.53
CA GLY A 11 -5.54 -12.34 1.26
C GLY A 11 -5.64 -13.55 0.35
N LYS A 12 -6.34 -13.42 -0.78
CA LYS A 12 -6.50 -14.54 -1.69
C LYS A 12 -5.19 -14.91 -2.39
N VAL A 13 -4.25 -13.97 -2.49
CA VAL A 13 -2.97 -14.27 -3.12
C VAL A 13 -2.01 -14.90 -2.12
N GLU A 14 -2.09 -14.49 -0.84
CA GLU A 14 -1.24 -15.07 0.18
C GLU A 14 -1.45 -16.57 0.32
N GLY A 15 -2.67 -17.05 0.01
CA GLY A 15 -2.96 -18.47 0.09
C GLY A 15 -2.39 -19.31 -1.03
N CYS A 16 -1.66 -18.71 -1.98
CA CYS A 16 -1.08 -19.43 -3.09
C CYS A 16 0.44 -19.36 -3.15
N MET A 17 1.08 -18.74 -2.16
CA MET A 17 2.53 -18.54 -2.20
C MET A 17 3.24 -19.68 -1.49
N VAL A 18 4.13 -20.36 -2.20
CA VAL A 18 4.94 -21.43 -1.65
C VAL A 18 6.40 -21.11 -1.93
N GLN A 19 7.28 -21.91 -1.35
CA GLN A 19 8.72 -21.77 -1.51
C GLN A 19 9.24 -22.85 -2.45
N VAL A 20 10.07 -22.46 -3.40
CA VAL A 20 10.62 -23.37 -4.41
C VAL A 20 12.13 -23.41 -4.24
N THR A 21 12.68 -24.60 -4.04
CA THR A 21 14.11 -24.79 -3.86
C THR A 21 14.60 -25.88 -4.79
N CYS A 22 15.67 -25.57 -5.53
CA CYS A 22 16.34 -26.53 -6.41
C CYS A 22 17.83 -26.54 -6.03
N GLY A 23 18.25 -27.58 -5.33
CA GLY A 23 19.59 -27.61 -4.77
C GLY A 23 19.70 -26.64 -3.61
N THR A 24 20.47 -25.57 -3.77
CA THR A 24 20.58 -24.54 -2.75
C THR A 24 19.92 -23.23 -3.15
N THR A 25 19.61 -23.03 -4.42
CA THR A 25 18.92 -21.83 -4.88
C THR A 25 17.45 -21.92 -4.50
N THR A 26 16.91 -20.84 -3.96
CA THR A 26 15.51 -20.82 -3.51
C THR A 26 14.86 -19.49 -3.86
N LEU A 27 13.57 -19.53 -4.17
CA LEU A 27 12.78 -18.35 -4.44
C LEU A 27 11.34 -18.64 -4.06
N ASN A 28 10.42 -17.79 -4.50
CA ASN A 28 9.01 -17.93 -4.20
C ASN A 28 8.28 -18.58 -5.38
N GLY A 29 7.19 -19.28 -5.07
CA GLY A 29 6.43 -19.98 -6.07
C GLY A 29 4.94 -19.76 -5.89
N LEU A 30 4.23 -19.79 -7.01
CA LEU A 30 2.79 -19.54 -7.05
C LEU A 30 2.07 -20.87 -7.23
N TRP A 31 1.36 -21.31 -6.19
CA TRP A 31 0.68 -22.59 -6.16
C TRP A 31 -0.79 -22.39 -6.53
N LEU A 32 -1.12 -22.67 -7.78
CA LEU A 32 -2.50 -22.59 -8.28
C LEU A 32 -2.89 -23.96 -8.80
N ASP A 33 -3.97 -24.52 -8.26
CA ASP A 33 -4.43 -25.88 -8.56
C ASP A 33 -3.27 -26.82 -8.22
N ASP A 34 -2.89 -27.75 -9.09
CA ASP A 34 -1.76 -28.63 -8.86
C ASP A 34 -0.52 -28.22 -9.64
N VAL A 35 -0.36 -26.93 -9.91
CA VAL A 35 0.76 -26.41 -10.68
C VAL A 35 1.41 -25.28 -9.89
N VAL A 36 2.74 -25.31 -9.78
CA VAL A 36 3.52 -24.28 -9.11
C VAL A 36 4.26 -23.48 -10.16
N TYR A 37 4.13 -22.16 -10.11
CA TYR A 37 4.81 -21.26 -11.04
C TYR A 37 5.92 -20.52 -10.32
N CYS A 38 7.08 -20.44 -10.96
CA CYS A 38 8.25 -19.81 -10.37
C CYS A 38 9.22 -19.46 -11.48
N PRO A 39 10.10 -18.47 -11.27
CA PRO A 39 11.14 -18.19 -12.26
C PRO A 39 12.05 -19.40 -12.48
N ARG A 40 12.64 -19.44 -13.67
CA ARG A 40 13.43 -20.60 -14.07
C ARG A 40 14.89 -20.53 -13.65
N HIS A 41 15.34 -19.40 -13.10
CA HIS A 41 16.73 -19.30 -12.64
C HIS A 41 16.94 -19.93 -11.28
N VAL A 42 15.93 -20.60 -10.73
CA VAL A 42 16.12 -21.38 -9.52
C VAL A 42 16.99 -22.60 -9.81
N ILE A 43 16.99 -23.08 -11.05
CA ILE A 43 17.85 -24.20 -11.44
C ILE A 43 19.30 -23.78 -11.65
N CYS A 44 19.60 -22.50 -11.50
CA CYS A 44 20.96 -22.00 -11.67
C CYS A 44 21.74 -22.12 -10.37
N THR A 45 23.03 -21.78 -10.45
CA THR A 45 23.91 -21.68 -9.29
C THR A 45 24.58 -20.31 -9.31
N SER A 46 25.45 -20.08 -8.34
CA SER A 46 26.21 -18.83 -8.31
C SER A 46 27.20 -18.71 -9.45
N GLU A 47 27.46 -19.80 -10.18
CA GLU A 47 28.39 -19.79 -11.29
C GLU A 47 27.72 -19.99 -12.65
N ASP A 48 26.48 -20.46 -12.67
CA ASP A 48 25.71 -20.62 -13.91
C ASP A 48 24.82 -19.41 -14.17
N MET A 49 25.29 -18.20 -13.82
CA MET A 49 24.46 -17.01 -13.91
C MET A 49 24.89 -16.04 -14.99
N LEU A 50 26.15 -16.11 -15.45
CA LEU A 50 26.59 -15.24 -16.54
C LEU A 50 25.98 -15.69 -17.87
N ASN A 51 26.25 -16.93 -18.25
CA ASN A 51 25.73 -17.51 -19.49
C ASN A 51 25.01 -18.81 -19.16
N PRO A 52 23.75 -18.72 -18.72
CA PRO A 52 23.02 -19.93 -18.32
C PRO A 52 22.35 -20.62 -19.50
N ASN A 53 22.47 -21.94 -19.51
CA ASN A 53 21.74 -22.80 -20.46
C ASN A 53 20.60 -23.44 -19.69
N TYR A 54 19.44 -22.77 -19.70
CA TYR A 54 18.30 -23.25 -18.93
C TYR A 54 17.77 -24.56 -19.48
N GLU A 55 17.76 -24.72 -20.81
CA GLU A 55 17.29 -25.97 -21.40
C GLU A 55 18.21 -27.13 -21.05
N ASP A 56 19.52 -26.88 -20.95
CA ASP A 56 20.45 -27.94 -20.58
C ASP A 56 20.46 -28.18 -19.07
N LEU A 57 20.40 -27.11 -18.27
CA LEU A 57 20.36 -27.27 -16.83
C LEU A 57 19.09 -28.01 -16.39
N LEU A 58 18.00 -27.85 -17.13
CA LEU A 58 16.77 -28.55 -16.79
C LEU A 58 16.83 -30.03 -17.17
N ILE A 59 17.53 -30.36 -18.25
CA ILE A 59 17.69 -31.76 -18.65
C ILE A 59 18.40 -32.54 -17.57
N ARG A 60 19.36 -31.91 -16.90
CA ARG A 60 20.10 -32.55 -15.82
C ARG A 60 19.29 -32.68 -14.53
N LYS A 61 18.03 -32.25 -14.52
CA LYS A 61 17.22 -32.22 -13.31
C LYS A 61 16.09 -33.24 -13.40
N SER A 62 15.73 -33.78 -12.25
CA SER A 62 14.61 -34.71 -12.09
C SER A 62 13.56 -34.08 -11.18
N ASN A 63 12.46 -34.81 -10.99
CA ASN A 63 11.35 -34.28 -10.21
C ASN A 63 11.72 -34.10 -8.74
N HIS A 64 12.57 -34.97 -8.20
CA HIS A 64 12.96 -34.87 -6.81
C HIS A 64 13.90 -33.69 -6.55
N ASN A 65 14.48 -33.11 -7.60
CA ASN A 65 15.38 -31.98 -7.42
C ASN A 65 14.65 -30.70 -7.06
N PHE A 66 13.33 -30.64 -7.25
CA PHE A 66 12.53 -29.47 -6.93
C PHE A 66 11.85 -29.68 -5.59
N LEU A 67 12.19 -28.83 -4.62
CA LEU A 67 11.67 -28.93 -3.27
C LEU A 67 10.70 -27.78 -3.04
N VAL A 68 9.41 -28.08 -3.03
CA VAL A 68 8.37 -27.09 -2.78
C VAL A 68 7.87 -27.27 -1.36
N GLN A 69 7.93 -26.20 -0.57
CA GLN A 69 7.51 -26.23 0.83
C GLN A 69 6.36 -25.26 1.02
N ALA A 70 5.16 -25.80 1.26
CA ALA A 70 3.95 -25.00 1.45
C ALA A 70 3.61 -24.99 2.94
N GLY A 71 4.25 -24.07 3.66
CA GLY A 71 4.06 -23.99 5.10
C GLY A 71 4.64 -25.18 5.82
N ASN A 72 3.78 -26.04 6.35
CA ASN A 72 4.24 -27.25 7.01
C ASN A 72 4.31 -28.44 6.06
N VAL A 73 3.52 -28.44 5.00
CA VAL A 73 3.46 -29.55 4.05
C VAL A 73 4.47 -29.32 2.94
N GLN A 74 5.37 -30.29 2.75
CA GLN A 74 6.28 -30.28 1.62
C GLN A 74 5.61 -30.99 0.45
N LEU A 75 5.37 -30.26 -0.64
CA LEU A 75 4.66 -30.81 -1.78
C LEU A 75 5.58 -31.69 -2.61
N ARG A 76 5.09 -32.87 -2.98
CA ARG A 76 5.85 -33.80 -3.81
C ARG A 76 5.65 -33.43 -5.28
N VAL A 77 6.74 -33.07 -5.95
CA VAL A 77 6.69 -32.70 -7.36
C VAL A 77 6.69 -33.97 -8.20
N ILE A 78 5.69 -34.09 -9.06
CA ILE A 78 5.54 -35.30 -9.89
C ILE A 78 5.44 -34.90 -11.36
N GLY A 79 6.03 -33.76 -11.71
CA GLY A 79 6.06 -33.27 -13.06
C GLY A 79 6.68 -31.90 -13.20
N HIS A 80 7.42 -31.67 -14.28
CA HIS A 80 8.08 -30.39 -14.47
C HIS A 80 8.20 -30.08 -15.95
N SER A 81 8.17 -28.80 -16.29
CA SER A 81 8.31 -28.32 -17.65
C SER A 81 8.65 -26.84 -17.61
N MET A 82 9.21 -26.35 -18.71
CA MET A 82 9.64 -24.96 -18.81
C MET A 82 8.87 -24.27 -19.92
N GLN A 83 8.36 -23.08 -19.63
CA GLN A 83 7.64 -22.25 -20.60
C GLN A 83 8.22 -20.85 -20.51
N ASN A 84 9.07 -20.48 -21.48
CA ASN A 84 9.75 -19.18 -21.53
C ASN A 84 10.61 -19.05 -20.27
N CYS A 85 10.38 -18.05 -19.41
CA CYS A 85 11.27 -17.79 -18.28
C CYS A 85 10.70 -18.26 -16.94
N VAL A 86 9.66 -19.10 -16.97
CA VAL A 86 9.09 -19.64 -15.74
C VAL A 86 9.08 -21.16 -15.80
N LEU A 87 8.96 -21.77 -14.63
CA LEU A 87 8.89 -23.21 -14.48
C LEU A 87 7.47 -23.61 -14.04
N LYS A 88 7.06 -24.80 -14.47
CA LYS A 88 5.76 -25.36 -14.11
C LYS A 88 5.99 -26.68 -13.40
N LEU A 89 5.75 -26.71 -12.10
CA LEU A 89 5.94 -27.89 -11.27
C LEU A 89 4.58 -28.47 -10.92
N LYS A 90 4.25 -29.62 -11.51
CA LYS A 90 2.97 -30.26 -11.28
C LYS A 90 3.05 -31.13 -10.03
N VAL A 91 2.25 -30.79 -9.02
CA VAL A 91 2.28 -31.47 -7.74
C VAL A 91 1.09 -32.41 -7.65
N ASP A 92 1.08 -33.25 -6.60
CA ASP A 92 0.04 -34.26 -6.46
C ASP A 92 -1.24 -33.70 -5.84
N THR A 93 -1.14 -32.63 -5.06
CA THR A 93 -2.28 -32.07 -4.34
C THR A 93 -2.59 -30.69 -4.89
N ALA A 94 -3.85 -30.48 -5.30
CA ALA A 94 -4.27 -29.17 -5.74
C ALA A 94 -4.41 -28.22 -4.55
N ASN A 95 -4.15 -26.94 -4.80
CA ASN A 95 -4.19 -25.94 -3.74
C ASN A 95 -5.64 -25.71 -3.31
N PRO A 96 -6.00 -26.01 -2.05
CA PRO A 96 -7.40 -25.80 -1.63
C PRO A 96 -7.78 -24.34 -1.50
N LYS A 97 -6.83 -23.43 -1.34
CA LYS A 97 -7.10 -22.00 -1.24
C LYS A 97 -6.96 -21.30 -2.59
N THR A 98 -7.19 -22.02 -3.68
CA THR A 98 -7.09 -21.43 -5.01
C THR A 98 -8.30 -20.55 -5.28
N PRO A 99 -8.12 -19.26 -5.55
CA PRO A 99 -9.25 -18.41 -5.93
C PRO A 99 -9.48 -18.45 -7.44
N LYS A 100 -10.57 -17.79 -7.85
CA LYS A 100 -10.81 -17.60 -9.27
C LYS A 100 -9.70 -16.72 -9.85
N TYR A 101 -9.06 -17.20 -10.92
CA TYR A 101 -7.87 -16.53 -11.41
C TYR A 101 -7.76 -16.69 -12.93
N LYS A 102 -7.22 -15.65 -13.55
CA LYS A 102 -6.83 -15.68 -14.96
C LYS A 102 -5.46 -15.05 -15.09
N PHE A 103 -4.78 -15.38 -16.19
CA PHE A 103 -3.46 -14.82 -16.50
C PHE A 103 -3.60 -13.81 -17.63
N VAL A 104 -3.16 -12.57 -17.38
CA VAL A 104 -3.21 -11.50 -18.36
C VAL A 104 -1.85 -10.84 -18.45
N ARG A 105 -1.61 -10.16 -19.57
CA ARG A 105 -0.42 -9.35 -19.78
C ARG A 105 -0.86 -7.90 -19.89
N ILE A 106 -0.36 -7.08 -18.96
CA ILE A 106 -0.80 -5.69 -18.91
C ILE A 106 -0.01 -4.84 -19.89
N GLN A 107 -0.53 -3.65 -20.15
CA GLN A 107 0.06 -2.61 -20.97
C GLN A 107 0.89 -1.68 -20.10
N PRO A 108 1.80 -0.89 -20.69
CA PRO A 108 2.56 0.06 -19.88
C PRO A 108 1.69 1.21 -19.40
N GLY A 109 1.75 1.46 -18.08
CA GLY A 109 0.90 2.42 -17.41
C GLY A 109 -0.10 1.79 -16.47
N GLN A 110 -0.55 0.57 -16.77
CA GLN A 110 -1.51 -0.12 -15.92
C GLN A 110 -0.87 -0.44 -14.57
N THR A 111 -1.70 -0.43 -13.53
CA THR A 111 -1.23 -0.66 -12.17
C THR A 111 -1.61 -2.06 -11.70
N PHE A 112 -0.93 -2.51 -10.66
CA PHE A 112 -1.13 -3.84 -10.09
C PHE A 112 -0.51 -3.89 -8.70
N SER A 113 -1.10 -4.71 -7.84
CA SER A 113 -0.62 -4.85 -6.47
C SER A 113 0.46 -5.92 -6.41
N VAL A 114 1.56 -5.61 -5.75
CA VAL A 114 2.71 -6.50 -5.62
C VAL A 114 2.75 -7.03 -4.19
N LEU A 115 2.67 -8.35 -4.05
CA LEU A 115 2.79 -9.01 -2.75
C LEU A 115 4.22 -9.52 -2.61
N ALA A 116 5.07 -8.73 -1.98
CA ALA A 116 6.46 -9.12 -1.78
C ALA A 116 6.54 -10.29 -0.80
N CYS A 117 7.12 -11.40 -1.24
CA CYS A 117 7.28 -12.58 -0.42
C CYS A 117 8.75 -12.99 -0.38
N TYR A 118 9.11 -13.71 0.69
CA TYR A 118 10.46 -14.23 0.86
C TYR A 118 10.36 -15.62 1.48
N ASN A 119 10.88 -16.62 0.77
CA ASN A 119 10.78 -18.02 1.17
C ASN A 119 9.32 -18.46 1.28
N GLY A 120 8.50 -18.04 0.31
CA GLY A 120 7.11 -18.41 0.27
C GLY A 120 6.21 -17.73 1.27
N SER A 121 6.74 -16.80 2.07
CA SER A 121 5.95 -16.10 3.08
C SER A 121 5.79 -14.64 2.69
N PRO A 122 4.56 -14.13 2.62
CA PRO A 122 4.36 -12.74 2.23
C PRO A 122 4.99 -11.77 3.22
N SER A 123 5.65 -10.74 2.71
CA SER A 123 6.32 -9.74 3.52
C SER A 123 5.62 -8.38 3.50
N GLY A 124 5.16 -7.92 2.34
CA GLY A 124 4.50 -6.64 2.25
C GLY A 124 3.76 -6.51 0.94
N VAL A 125 2.86 -5.52 0.89
CA VAL A 125 2.02 -5.27 -0.28
C VAL A 125 2.09 -3.78 -0.61
N TYR A 126 2.09 -3.47 -1.91
CA TYR A 126 2.19 -2.10 -2.37
C TYR A 126 1.77 -2.05 -3.84
N GLN A 127 1.22 -0.91 -4.25
CA GLN A 127 0.76 -0.73 -5.62
C GLN A 127 1.91 -0.27 -6.50
N CYS A 128 2.01 -0.89 -7.68
CA CYS A 128 3.06 -0.58 -8.64
C CYS A 128 2.44 -0.38 -10.01
N ALA A 129 3.18 0.30 -10.88
CA ALA A 129 2.70 0.61 -12.22
C ALA A 129 3.75 0.22 -13.26
N MET A 130 3.27 -0.36 -14.36
CA MET A 130 4.12 -0.71 -15.49
C MET A 130 4.70 0.56 -16.11
N ARG A 131 5.98 0.85 -15.84
CA ARG A 131 6.58 2.05 -16.39
C ARG A 131 6.71 1.95 -17.91
N PRO A 132 6.71 3.08 -18.62
CA PRO A 132 6.80 3.03 -20.09
C PRO A 132 8.05 2.34 -20.60
N ASN A 133 9.18 2.45 -19.90
CA ASN A 133 10.39 1.72 -20.27
C ASN A 133 10.32 0.25 -19.92
N PHE A 134 9.14 -0.25 -19.58
CA PHE A 134 8.90 -1.66 -19.25
C PHE A 134 9.73 -2.09 -18.05
N THR A 135 9.64 -1.30 -16.97
CA THR A 135 10.19 -1.66 -15.67
C THR A 135 9.16 -1.28 -14.61
N ILE A 136 9.47 -1.60 -13.35
CA ILE A 136 8.65 -1.21 -12.21
C ILE A 136 9.58 -0.67 -11.12
N LYS A 137 9.12 0.38 -10.45
CA LYS A 137 9.85 0.97 -9.33
C LYS A 137 9.27 0.39 -8.05
N GLY A 138 9.79 -0.77 -7.64
CA GLY A 138 9.35 -1.47 -6.47
C GLY A 138 10.38 -1.48 -5.37
N SER A 139 10.19 -2.40 -4.42
CA SER A 139 11.10 -2.60 -3.30
C SER A 139 11.33 -4.09 -3.15
N PHE A 140 12.44 -4.59 -3.69
CA PHE A 140 12.75 -6.01 -3.70
C PHE A 140 14.15 -6.24 -3.18
N LEU A 141 14.31 -7.26 -2.34
CA LEU A 141 15.59 -7.69 -1.82
C LEU A 141 15.95 -9.06 -2.39
N ASN A 142 17.05 -9.62 -1.90
CA ASN A 142 17.46 -10.95 -2.34
C ASN A 142 16.50 -11.99 -1.79
N GLY A 143 16.06 -12.90 -2.65
CA GLY A 143 15.05 -13.88 -2.30
C GLY A 143 13.63 -13.46 -2.64
N SER A 144 13.44 -12.30 -3.26
CA SER A 144 12.12 -11.81 -3.62
C SER A 144 11.63 -12.36 -4.97
N ALA A 145 12.47 -13.09 -5.70
CA ALA A 145 12.04 -13.69 -6.95
C ALA A 145 10.88 -14.65 -6.70
N GLY A 146 9.90 -14.62 -7.60
CA GLY A 146 8.68 -15.36 -7.43
C GLY A 146 7.52 -14.55 -6.89
N SER A 147 7.80 -13.34 -6.37
CA SER A 147 6.72 -12.45 -5.97
C SER A 147 5.89 -12.07 -7.18
N VAL A 148 4.58 -12.01 -6.99
CA VAL A 148 3.64 -11.84 -8.09
C VAL A 148 2.96 -10.48 -8.00
N GLY A 149 2.53 -9.98 -9.16
CA GLY A 149 1.68 -8.80 -9.24
C GLY A 149 0.32 -9.20 -9.74
N PHE A 150 -0.72 -8.57 -9.20
CA PHE A 150 -2.07 -9.01 -9.47
C PHE A 150 -3.05 -7.84 -9.39
N ASN A 151 -4.21 -8.04 -10.00
CA ASN A 151 -5.35 -7.16 -9.86
C ASN A 151 -6.57 -8.00 -9.52
N ILE A 152 -7.46 -7.44 -8.71
CA ILE A 152 -8.62 -8.16 -8.20
C ILE A 152 -9.89 -7.47 -8.69
N ASP A 153 -10.68 -8.18 -9.48
CA ASP A 153 -12.01 -7.74 -9.92
C ASP A 153 -13.00 -8.79 -9.41
N TYR A 154 -13.79 -8.40 -8.41
CA TYR A 154 -14.64 -9.33 -7.66
C TYR A 154 -13.79 -10.42 -7.01
N ASP A 155 -13.97 -11.64 -7.50
CA ASP A 155 -13.28 -12.82 -7.02
C ASP A 155 -12.21 -13.30 -8.00
N CYS A 156 -11.99 -12.57 -9.09
CA CYS A 156 -11.02 -12.98 -10.10
C CYS A 156 -9.69 -12.29 -9.85
N VAL A 157 -8.65 -13.09 -9.59
CA VAL A 157 -7.31 -12.58 -9.36
C VAL A 157 -6.57 -12.65 -10.70
N SER A 158 -6.47 -11.52 -11.39
CA SER A 158 -5.78 -11.45 -12.68
C SER A 158 -4.29 -11.33 -12.43
N PHE A 159 -3.58 -12.46 -12.52
CA PHE A 159 -2.13 -12.47 -12.36
C PHE A 159 -1.49 -11.91 -13.62
N CYS A 160 -0.62 -10.90 -13.45
CA CYS A 160 -0.03 -10.20 -14.58
C CYS A 160 1.47 -9.98 -14.46
N TYR A 161 2.09 -10.35 -13.35
CA TYR A 161 3.50 -10.08 -13.16
C TYR A 161 4.12 -11.13 -12.24
N MET A 162 5.40 -11.41 -12.49
CA MET A 162 6.20 -12.24 -11.59
C MET A 162 7.62 -11.67 -11.57
N HIS A 163 8.14 -11.46 -10.37
CA HIS A 163 9.43 -10.80 -10.22
C HIS A 163 10.58 -11.75 -10.57
N HIS A 164 11.66 -11.18 -11.08
CA HIS A 164 12.81 -11.97 -11.52
C HIS A 164 14.13 -11.37 -11.06
N MET A 165 14.38 -10.11 -11.41
CA MET A 165 15.70 -9.53 -11.21
C MET A 165 15.57 -8.03 -10.95
N GLU A 166 16.72 -7.41 -10.68
CA GLU A 166 16.82 -5.98 -10.41
C GLU A 166 17.91 -5.38 -11.27
N LEU A 167 17.63 -4.22 -11.85
CA LEU A 167 18.55 -3.52 -12.73
C LEU A 167 19.50 -2.64 -11.91
N PRO A 168 20.68 -2.31 -12.46
CA PRO A 168 21.66 -1.54 -11.68
C PRO A 168 21.20 -0.17 -11.24
N THR A 169 20.09 0.36 -11.78
CA THR A 169 19.60 1.66 -11.39
C THR A 169 18.61 1.61 -10.23
N GLY A 170 18.24 0.42 -9.77
CA GLY A 170 17.30 0.25 -8.68
C GLY A 170 15.92 -0.20 -9.12
N VAL A 171 15.62 -0.18 -10.41
CA VAL A 171 14.32 -0.63 -10.91
C VAL A 171 14.36 -2.15 -11.09
N HIS A 172 13.20 -2.75 -11.35
CA HIS A 172 13.07 -4.18 -11.41
C HIS A 172 12.40 -4.59 -12.71
N ALA A 173 12.64 -5.85 -13.10
CA ALA A 173 12.07 -6.40 -14.32
C ALA A 173 11.54 -7.80 -14.03
N GLY A 174 10.44 -8.15 -14.70
CA GLY A 174 9.83 -9.46 -14.54
C GLY A 174 9.09 -9.93 -15.78
N THR A 175 8.39 -11.05 -15.68
CA THR A 175 7.64 -11.60 -16.80
C THR A 175 6.16 -11.70 -16.43
N ASP A 176 5.35 -12.01 -17.44
CA ASP A 176 3.98 -12.41 -17.18
C ASP A 176 3.96 -13.83 -16.64
N LEU A 177 2.77 -14.35 -16.38
CA LEU A 177 2.66 -15.72 -15.87
C LEU A 177 2.79 -16.77 -16.97
N GLU A 178 3.21 -16.36 -18.17
CA GLU A 178 3.55 -17.28 -19.24
C GLU A 178 5.04 -17.34 -19.51
N GLY A 179 5.84 -16.55 -18.77
CA GLY A 179 7.28 -16.54 -18.93
C GLY A 179 7.82 -15.41 -19.77
N ASN A 180 6.98 -14.78 -20.59
CA ASN A 180 7.45 -13.73 -21.48
C ASN A 180 7.77 -12.46 -20.69
N PHE A 181 9.01 -11.98 -20.82
CA PHE A 181 9.45 -10.81 -20.09
C PHE A 181 8.70 -9.56 -20.52
N TYR A 182 8.81 -8.51 -19.71
CA TYR A 182 8.28 -7.19 -20.03
C TYR A 182 9.44 -6.33 -20.51
N GLY A 183 9.69 -6.34 -21.81
CA GLY A 183 10.76 -5.57 -22.39
C GLY A 183 11.84 -6.43 -23.01
N PRO A 184 13.00 -5.83 -23.29
CA PRO A 184 14.08 -6.58 -23.93
C PRO A 184 15.05 -7.18 -22.92
N PHE A 185 14.51 -7.72 -21.83
CA PHE A 185 15.32 -8.21 -20.72
C PHE A 185 15.38 -9.73 -20.72
N VAL A 186 16.49 -10.26 -20.23
CA VAL A 186 16.73 -11.70 -20.16
C VAL A 186 17.19 -12.05 -18.75
N ASP A 187 16.97 -13.31 -18.36
CA ASP A 187 17.36 -13.80 -17.04
C ASP A 187 18.83 -14.24 -17.05
N ARG A 188 19.69 -13.29 -17.38
CA ARG A 188 21.13 -13.46 -17.33
C ARG A 188 21.74 -12.31 -16.55
N GLN A 189 22.85 -12.58 -15.86
CA GLN A 189 23.59 -11.53 -15.16
C GLN A 189 24.44 -10.69 -16.11
N THR A 190 23.99 -10.49 -17.34
CA THR A 190 24.69 -9.62 -18.27
C THR A 190 24.31 -8.17 -18.01
N ALA A 191 25.21 -7.26 -18.40
CA ALA A 191 24.99 -5.84 -18.21
C ALA A 191 23.77 -5.38 -19.01
N GLN A 192 22.63 -5.24 -18.33
CA GLN A 192 21.39 -4.81 -18.96
C GLN A 192 20.96 -3.47 -18.37
N ALA A 193 20.31 -2.66 -19.21
CA ALA A 193 19.83 -1.35 -18.79
C ALA A 193 18.53 -1.04 -19.52
N ALA A 194 17.60 -0.42 -18.81
CA ALA A 194 16.31 -0.06 -19.37
C ALA A 194 16.40 1.28 -20.09
N GLY A 195 15.47 1.47 -21.03
CA GLY A 195 15.41 2.72 -21.77
C GLY A 195 15.03 3.89 -20.89
N THR A 196 15.14 5.09 -21.46
CA THR A 196 14.82 6.31 -20.74
C THR A 196 13.33 6.34 -20.42
N ASP A 197 13.01 6.65 -19.17
CA ASP A 197 11.62 6.60 -18.69
C ASP A 197 10.88 7.85 -19.10
N THR A 198 9.71 7.68 -19.72
CA THR A 198 8.81 8.77 -20.02
C THR A 198 7.73 8.83 -18.94
N THR A 199 6.72 9.67 -19.16
CA THR A 199 5.65 9.86 -18.18
C THR A 199 4.32 9.38 -18.76
N ILE A 200 3.63 8.54 -18.00
CA ILE A 200 2.30 8.09 -18.37
C ILE A 200 1.35 9.28 -18.30
N THR A 201 0.73 9.62 -19.43
CA THR A 201 -0.05 10.85 -19.49
C THR A 201 -1.48 10.66 -19.01
N VAL A 202 -2.15 9.59 -19.46
CA VAL A 202 -3.49 9.29 -19.00
C VAL A 202 -3.54 9.13 -17.50
N ASN A 203 -2.40 8.84 -16.86
CA ASN A 203 -2.37 8.64 -15.41
C ASN A 203 -2.25 9.96 -14.66
N VAL A 204 -1.44 10.90 -15.16
CA VAL A 204 -1.37 12.20 -14.50
C VAL A 204 -2.67 12.96 -14.66
N LEU A 205 -3.39 12.74 -15.77
CA LEU A 205 -4.65 13.43 -15.97
C LEU A 205 -5.71 12.93 -15.01
N ALA A 206 -5.75 11.61 -14.76
CA ALA A 206 -6.68 11.07 -13.79
C ALA A 206 -6.33 11.53 -12.38
N TRP A 207 -5.04 11.63 -12.08
CA TRP A 207 -4.61 12.18 -10.78
C TRP A 207 -5.01 13.64 -10.65
N LEU A 208 -5.00 14.39 -11.76
CA LEU A 208 -5.44 15.78 -11.72
C LEU A 208 -6.93 15.88 -11.36
N TYR A 209 -7.73 14.91 -11.81
CA TYR A 209 -9.14 14.91 -11.48
C TYR A 209 -9.37 14.58 -10.01
N ALA A 210 -8.54 13.68 -9.45
CA ALA A 210 -8.67 13.30 -8.06
C ALA A 210 -8.41 14.48 -7.11
N ALA A 211 -7.74 15.52 -7.59
CA ALA A 211 -7.44 16.67 -6.75
C ALA A 211 -8.68 17.52 -6.52
N VAL A 212 -9.35 17.93 -7.60
CA VAL A 212 -10.57 18.73 -7.49
C VAL A 212 -11.69 17.94 -6.83
N ILE A 213 -11.60 16.61 -6.82
CA ILE A 213 -12.64 15.81 -6.17
C ILE A 213 -12.50 15.86 -4.66
N ASN A 214 -11.28 15.65 -4.16
CA ASN A 214 -11.05 15.49 -2.72
C ASN A 214 -10.68 16.79 -2.02
N GLY A 215 -10.55 17.91 -2.73
CA GLY A 215 -10.35 19.18 -2.06
C GLY A 215 -9.43 20.16 -2.75
N ASP A 216 -8.20 19.75 -3.05
CA ASP A 216 -7.17 20.66 -3.54
C ASP A 216 -7.59 21.36 -4.84
N ARG A 217 -7.80 22.67 -4.74
CA ARG A 217 -8.21 23.48 -5.88
C ARG A 217 -7.38 24.74 -6.04
N TRP A 218 -6.34 24.93 -5.22
CA TRP A 218 -5.52 26.14 -5.28
C TRP A 218 -4.74 26.27 -6.58
N PHE A 219 -4.59 25.18 -7.33
CA PHE A 219 -3.78 25.16 -8.54
C PHE A 219 -4.60 25.34 -9.81
N LEU A 220 -5.93 25.37 -9.71
CA LEU A 220 -6.78 25.47 -10.89
C LEU A 220 -6.49 26.74 -11.67
N ASN A 221 -6.46 26.63 -12.99
CA ASN A 221 -6.25 27.78 -13.86
C ASN A 221 -7.44 27.87 -14.81
N ARG A 222 -7.29 28.62 -15.90
CA ARG A 222 -8.46 29.17 -16.58
C ARG A 222 -8.19 29.21 -18.09
N PHE A 223 -8.36 28.06 -18.74
CA PHE A 223 -8.13 27.92 -20.17
C PHE A 223 -8.92 26.72 -20.67
N THR A 224 -9.40 26.81 -21.91
CA THR A 224 -10.03 25.70 -22.62
C THR A 224 -9.38 25.58 -24.00
N THR A 225 -9.16 24.34 -24.44
CA THR A 225 -8.38 24.12 -25.66
C THR A 225 -8.81 22.79 -26.29
N THR A 226 -8.12 22.38 -27.34
CA THR A 226 -8.47 21.21 -28.14
C THR A 226 -7.35 20.18 -28.13
N LEU A 227 -7.52 19.14 -28.96
CA LEU A 227 -6.66 17.96 -28.89
C LEU A 227 -5.24 18.25 -29.37
N ASN A 228 -5.11 18.98 -30.49
CA ASN A 228 -3.78 19.27 -31.02
C ASN A 228 -2.95 20.08 -30.03
N ASP A 229 -3.61 20.91 -29.22
CA ASP A 229 -2.90 21.68 -28.21
C ASP A 229 -2.23 20.77 -27.17
N PHE A 230 -2.80 19.58 -26.95
CA PHE A 230 -2.18 18.65 -26.02
C PHE A 230 -0.86 18.12 -26.54
N ASN A 231 -0.73 17.94 -27.86
CA ASN A 231 0.51 17.47 -28.44
C ASN A 231 1.58 18.56 -28.47
N LEU A 232 1.18 19.83 -28.38
CA LEU A 232 2.13 20.93 -28.40
C LEU A 232 3.02 20.97 -27.16
N VAL A 233 2.73 20.16 -26.15
CA VAL A 233 3.53 20.11 -24.93
C VAL A 233 3.93 18.69 -24.54
N ALA A 234 3.51 17.68 -25.30
CA ALA A 234 3.70 16.30 -24.88
C ALA A 234 5.09 15.78 -25.20
N MET A 235 5.60 16.07 -26.39
CA MET A 235 6.84 15.44 -26.85
C MET A 235 8.07 16.01 -26.15
N LYS A 236 8.05 17.31 -25.82
CA LYS A 236 9.24 17.93 -25.24
C LYS A 236 9.49 17.47 -23.81
N TYR A 237 8.42 17.29 -23.03
CA TYR A 237 8.53 16.93 -21.63
C TYR A 237 8.45 15.43 -21.40
N ASN A 238 8.68 14.62 -22.44
CA ASN A 238 8.72 13.16 -22.34
C ASN A 238 7.43 12.61 -21.74
N TYR A 239 6.31 13.03 -22.31
CA TYR A 239 4.98 12.61 -21.88
C TYR A 239 4.37 11.70 -22.96
N GLU A 240 3.81 10.58 -22.53
CA GLU A 240 3.36 9.54 -23.45
C GLU A 240 2.25 10.08 -24.37
N PRO A 241 2.22 9.69 -25.63
CA PRO A 241 1.17 10.19 -26.53
C PRO A 241 -0.22 9.74 -26.09
N LEU A 242 -1.18 10.66 -26.15
CA LEU A 242 -2.57 10.35 -25.88
C LEU A 242 -3.24 9.70 -27.08
N THR A 243 -4.12 8.75 -26.81
CA THR A 243 -4.91 8.07 -27.83
C THR A 243 -6.36 8.52 -27.74
N GLN A 244 -7.15 8.14 -28.75
CA GLN A 244 -8.56 8.49 -28.77
C GLN A 244 -9.41 7.51 -27.96
N ASP A 245 -8.99 6.25 -27.87
CA ASP A 245 -9.65 5.35 -26.94
C ASP A 245 -9.44 5.76 -25.49
N HIS A 246 -8.38 6.53 -25.23
CA HIS A 246 -8.11 6.99 -23.88
C HIS A 246 -9.19 7.97 -23.41
N VAL A 247 -9.39 9.06 -24.15
CA VAL A 247 -10.32 10.11 -23.72
C VAL A 247 -11.72 9.57 -23.47
N ASP A 248 -12.04 8.37 -23.97
CA ASP A 248 -13.27 7.71 -23.56
C ASP A 248 -13.15 7.17 -22.14
N ILE A 249 -11.95 6.75 -21.75
CA ILE A 249 -11.74 6.21 -20.40
C ILE A 249 -11.74 7.34 -19.37
N LEU A 250 -11.13 8.48 -19.71
CA LEU A 250 -11.23 9.65 -18.83
C LEU A 250 -12.59 10.34 -18.92
N GLY A 251 -13.54 9.79 -19.67
CA GLY A 251 -14.85 10.35 -19.81
C GLY A 251 -15.60 10.51 -18.49
N PRO A 252 -15.84 9.39 -17.79
CA PRO A 252 -16.57 9.48 -16.52
C PRO A 252 -15.90 10.38 -15.49
N LEU A 253 -14.57 10.46 -15.49
CA LEU A 253 -13.91 11.37 -14.55
C LEU A 253 -14.11 12.83 -14.96
N SER A 254 -14.30 13.10 -16.25
CA SER A 254 -14.48 14.46 -16.71
C SER A 254 -15.91 14.94 -16.53
N ALA A 255 -16.88 14.05 -16.76
CA ALA A 255 -18.29 14.42 -16.60
C ALA A 255 -18.66 14.62 -15.15
N GLN A 256 -18.09 13.83 -14.24
CA GLN A 256 -18.38 13.99 -12.82
C GLN A 256 -17.87 15.33 -12.29
N THR A 257 -16.81 15.87 -12.87
CA THR A 257 -16.22 17.11 -12.41
C THR A 257 -16.67 18.33 -13.19
N GLY A 258 -17.53 18.14 -14.20
CA GLY A 258 -17.94 19.24 -15.07
C GLY A 258 -16.87 19.76 -15.99
N ILE A 259 -15.60 19.41 -15.76
CA ILE A 259 -14.50 19.81 -16.62
C ILE A 259 -14.28 18.71 -17.65
N ALA A 260 -14.48 19.04 -18.93
CA ALA A 260 -14.30 18.07 -19.99
C ALA A 260 -12.86 17.54 -20.00
N VAL A 261 -12.68 16.40 -20.68
CA VAL A 261 -11.35 15.80 -20.76
C VAL A 261 -10.36 16.79 -21.35
N LEU A 262 -10.73 17.40 -22.48
CA LEU A 262 -9.89 18.40 -23.11
C LEU A 262 -9.90 19.71 -22.34
N ASP A 263 -10.95 19.98 -21.57
CA ASP A 263 -10.94 21.16 -20.70
C ASP A 263 -9.87 21.05 -19.63
N MET A 264 -9.67 19.84 -19.10
CA MET A 264 -8.57 19.61 -18.16
C MET A 264 -7.23 19.57 -18.86
N CYS A 265 -7.22 19.21 -20.15
CA CYS A 265 -5.98 19.16 -20.91
C CYS A 265 -5.32 20.53 -21.03
N ALA A 266 -6.12 21.60 -20.96
CA ALA A 266 -5.57 22.94 -21.06
C ALA A 266 -4.74 23.30 -19.84
N SER A 267 -5.07 22.74 -18.68
CA SER A 267 -4.33 23.05 -17.46
C SER A 267 -2.95 22.39 -17.44
N LEU A 268 -2.71 21.41 -18.31
CA LEU A 268 -1.45 20.68 -18.27
C LEU A 268 -0.27 21.57 -18.65
N LYS A 269 -0.44 22.40 -19.68
CA LYS A 269 0.70 23.11 -20.26
C LYS A 269 1.33 24.07 -19.26
N GLU A 270 0.52 24.96 -18.67
CA GLU A 270 1.04 25.92 -17.69
C GLU A 270 1.66 25.23 -16.48
N LEU A 271 1.33 23.96 -16.24
CA LEU A 271 1.86 23.23 -15.10
C LEU A 271 3.26 22.69 -15.33
N LEU A 272 3.73 22.66 -16.57
CA LEU A 272 4.99 21.99 -16.89
C LEU A 272 6.19 22.92 -16.95
N GLN A 273 5.98 24.23 -17.08
CA GLN A 273 7.11 25.15 -17.15
C GLN A 273 7.51 25.69 -15.78
N ASN A 274 6.54 26.17 -15.00
CA ASN A 274 6.80 26.72 -13.68
C ASN A 274 6.38 25.81 -12.55
N GLY A 275 5.63 24.73 -12.83
CA GLY A 275 5.19 23.83 -11.80
C GLY A 275 3.85 24.22 -11.19
N MET A 276 3.71 24.01 -9.88
CA MET A 276 2.47 24.34 -9.19
C MET A 276 2.47 25.76 -8.63
N ASN A 277 3.64 26.36 -8.43
CA ASN A 277 3.77 27.72 -7.89
C ASN A 277 3.08 27.84 -6.54
N THR A 280 1.56 22.20 -2.12
CA THR A 280 1.36 20.76 -2.27
C THR A 280 0.05 20.44 -2.98
N ILE A 281 0.03 19.30 -3.67
CA ILE A 281 -1.17 18.79 -4.33
C ILE A 281 -1.30 17.33 -3.91
N LEU A 282 -2.23 17.05 -2.99
CA LEU A 282 -2.39 15.72 -2.39
C LEU A 282 -1.12 15.24 -1.72
N GLY A 283 -0.34 16.18 -1.17
CA GLY A 283 0.94 15.85 -0.57
C GLY A 283 2.08 15.68 -1.53
N SER A 284 1.85 15.85 -2.83
CA SER A 284 2.87 15.69 -3.85
C SER A 284 3.05 17.01 -4.60
N ALA A 285 4.30 17.41 -4.81
CA ALA A 285 4.63 18.60 -5.58
C ALA A 285 4.89 18.29 -7.04
N LEU A 286 4.62 17.06 -7.48
CA LEU A 286 4.81 16.64 -8.86
C LEU A 286 3.55 15.95 -9.35
N LEU A 287 3.42 15.89 -10.68
CA LEU A 287 2.29 15.19 -11.29
C LEU A 287 2.52 13.69 -11.19
N GLU A 288 1.67 13.02 -10.41
CA GLU A 288 1.83 11.59 -10.12
C GLU A 288 1.21 10.77 -11.24
N ASP A 289 2.00 9.88 -11.83
CA ASP A 289 1.56 9.04 -12.94
C ASP A 289 1.40 7.57 -12.53
N GLU A 290 1.35 7.30 -11.23
CA GLU A 290 1.21 5.94 -10.73
C GLU A 290 -0.24 5.58 -10.41
N PHE A 291 -1.19 6.41 -10.84
CA PHE A 291 -2.60 6.20 -10.58
C PHE A 291 -3.35 6.16 -11.90
N THR A 292 -3.96 5.03 -12.21
CA THR A 292 -4.75 4.91 -13.43
C THR A 292 -6.16 5.46 -13.20
N PRO A 293 -6.85 5.86 -14.28
CA PRO A 293 -8.24 6.30 -14.13
C PRO A 293 -9.12 5.27 -13.44
N PHE A 294 -8.82 3.98 -13.59
CA PHE A 294 -9.55 2.95 -12.86
C PHE A 294 -9.28 3.04 -11.36
N ASP A 295 -8.05 3.42 -10.99
CA ASP A 295 -7.72 3.57 -9.58
C ASP A 295 -8.42 4.77 -8.95
N VAL A 296 -8.66 5.82 -9.76
CA VAL A 296 -9.33 7.00 -9.23
C VAL A 296 -10.82 6.73 -9.03
N VAL A 297 -11.45 6.10 -10.01
CA VAL A 297 -12.88 5.81 -9.91
C VAL A 297 -13.14 4.83 -8.76
N ARG A 298 -12.26 3.86 -8.58
CA ARG A 298 -12.42 2.89 -7.49
C ARG A 298 -12.31 3.57 -6.13
N GLN A 299 -11.48 4.60 -6.01
CA GLN A 299 -11.20 5.26 -4.74
C GLN A 299 -12.03 6.51 -4.50
N CYS A 300 -12.11 7.39 -5.50
CA CYS A 300 -12.78 8.68 -5.32
C CYS A 300 -14.29 8.55 -5.39
N SER A 301 -14.80 8.04 -6.51
CA SER A 301 -16.24 7.94 -6.77
C SER A 301 -16.61 6.47 -6.96
N GLY A 302 -16.78 5.76 -5.85
CA GLY A 302 -17.16 4.36 -5.88
C GLY A 302 -18.16 3.99 -4.81
N SER B 1 16.91 -3.66 -3.39
CA SER B 1 16.94 -2.20 -3.41
C SER B 1 15.55 -1.62 -3.64
N GLY B 2 15.41 -0.32 -3.41
CA GLY B 2 14.13 0.34 -3.57
C GLY B 2 13.47 0.62 -2.24
N PHE B 3 12.71 1.71 -2.19
CA PHE B 3 11.97 2.09 -0.99
C PHE B 3 10.56 2.48 -1.41
N ARG B 4 9.57 1.80 -0.83
CA ARG B 4 8.18 2.01 -1.21
C ARG B 4 7.31 2.02 0.04
N LYS B 5 6.16 2.68 -0.05
CA LYS B 5 5.17 2.64 1.03
C LYS B 5 4.56 1.24 1.06
N MET B 6 4.95 0.45 2.04
CA MET B 6 4.60 -0.96 2.10
C MET B 6 3.59 -1.20 3.22
N ALA B 7 2.53 -1.93 2.90
CA ALA B 7 1.53 -2.33 3.87
C ALA B 7 1.72 -3.80 4.24
N PHE B 8 1.25 -4.16 5.44
CA PHE B 8 1.33 -5.54 5.88
C PHE B 8 0.35 -6.40 5.08
N PRO B 9 0.68 -7.68 4.86
CA PRO B 9 -0.28 -8.58 4.21
C PRO B 9 -1.57 -8.66 5.00
N SER B 10 -2.65 -8.18 4.40
CA SER B 10 -3.95 -8.07 5.06
C SER B 10 -4.71 -9.40 5.13
N GLY B 11 -4.05 -10.52 4.85
CA GLY B 11 -4.77 -11.78 4.79
C GLY B 11 -5.40 -12.16 6.12
N LYS B 12 -4.63 -12.06 7.21
CA LYS B 12 -5.14 -12.44 8.52
C LYS B 12 -6.28 -11.51 8.97
N VAL B 13 -6.34 -10.29 8.45
CA VAL B 13 -7.42 -9.39 8.83
C VAL B 13 -8.66 -9.62 7.98
N GLU B 14 -8.49 -10.04 6.73
CA GLU B 14 -9.64 -10.28 5.86
C GLU B 14 -10.52 -11.41 6.38
N GLY B 15 -9.94 -12.33 7.16
CA GLY B 15 -10.71 -13.39 7.78
C GLY B 15 -11.51 -13.00 8.99
N CYS B 16 -11.40 -11.75 9.44
CA CYS B 16 -12.12 -11.28 10.62
C CYS B 16 -13.08 -10.14 10.30
N MET B 17 -13.16 -9.69 9.06
CA MET B 17 -14.00 -8.56 8.69
C MET B 17 -15.42 -9.03 8.40
N VAL B 18 -16.37 -8.55 9.21
CA VAL B 18 -17.78 -8.86 9.04
C VAL B 18 -18.56 -7.55 9.02
N GLN B 19 -19.82 -7.65 8.63
CA GLN B 19 -20.71 -6.50 8.54
C GLN B 19 -21.76 -6.57 9.64
N VAL B 20 -21.97 -5.45 10.34
CA VAL B 20 -22.91 -5.37 11.45
C VAL B 20 -23.98 -4.36 11.08
N THR B 21 -25.24 -4.78 11.19
CA THR B 21 -26.39 -3.96 10.83
C THR B 21 -27.30 -3.80 12.03
N CYS B 22 -27.67 -2.55 12.34
CA CYS B 22 -28.60 -2.23 13.42
C CYS B 22 -29.67 -1.31 12.84
N GLY B 23 -30.83 -1.87 12.53
CA GLY B 23 -31.89 -1.12 11.88
C GLY B 23 -31.58 -0.87 10.41
N THR B 24 -31.32 0.39 10.05
CA THR B 24 -30.88 0.73 8.71
C THR B 24 -29.42 1.16 8.65
N THR B 25 -28.80 1.44 9.80
CA THR B 25 -27.39 1.79 9.82
C THR B 25 -26.54 0.54 9.71
N THR B 26 -25.44 0.64 8.96
CA THR B 26 -24.58 -0.51 8.70
C THR B 26 -23.13 -0.06 8.58
N LEU B 27 -22.24 -0.84 9.18
CA LEU B 27 -20.80 -0.60 9.12
C LEU B 27 -20.07 -1.94 9.17
N ASN B 28 -18.77 -1.90 9.41
CA ASN B 28 -17.93 -3.09 9.43
C ASN B 28 -17.63 -3.50 10.87
N GLY B 29 -17.50 -4.81 11.08
CA GLY B 29 -17.18 -5.33 12.39
C GLY B 29 -15.95 -6.22 12.32
N LEU B 30 -15.28 -6.34 13.47
CA LEU B 30 -14.07 -7.13 13.61
C LEU B 30 -14.39 -8.40 14.39
N TRP B 31 -14.39 -9.54 13.68
CA TRP B 31 -14.79 -10.82 14.26
C TRP B 31 -13.54 -11.54 14.75
N LEU B 32 -13.22 -11.36 16.03
CA LEU B 32 -12.12 -12.06 16.68
C LEU B 32 -12.69 -12.94 17.77
N ASP B 33 -12.39 -14.24 17.69
CA ASP B 33 -12.91 -15.25 18.63
C ASP B 33 -14.43 -15.20 18.55
N ASP B 34 -15.16 -15.19 19.67
CA ASP B 34 -16.62 -15.12 19.66
C ASP B 34 -17.13 -13.72 19.99
N VAL B 35 -16.32 -12.69 19.73
CA VAL B 35 -16.69 -11.31 19.98
C VAL B 35 -16.47 -10.51 18.71
N VAL B 36 -17.43 -9.64 18.38
CA VAL B 36 -17.34 -8.75 17.23
C VAL B 36 -17.21 -7.32 17.75
N TYR B 37 -16.22 -6.59 17.22
CA TYR B 37 -15.95 -5.22 17.61
C TYR B 37 -16.32 -4.30 16.47
N CYS B 38 -17.01 -3.20 16.79
CA CYS B 38 -17.48 -2.25 15.78
C CYS B 38 -17.78 -0.93 16.47
N PRO B 39 -17.78 0.18 15.73
CA PRO B 39 -18.15 1.46 16.34
C PRO B 39 -19.57 1.44 16.88
N ARG B 40 -19.81 2.25 17.91
CA ARG B 40 -21.07 2.23 18.63
C ARG B 40 -22.14 3.11 17.99
N HIS B 41 -21.80 3.90 16.98
CA HIS B 41 -22.79 4.74 16.31
C HIS B 41 -23.57 3.97 15.25
N VAL B 42 -23.44 2.64 15.21
CA VAL B 42 -24.30 1.84 14.34
C VAL B 42 -25.70 1.74 14.92
N ILE B 43 -25.83 1.84 16.25
CA ILE B 43 -27.15 1.88 16.88
C ILE B 43 -27.85 3.21 16.68
N CYS B 44 -27.13 4.22 16.21
CA CYS B 44 -27.74 5.51 15.94
C CYS B 44 -28.50 5.47 14.61
N THR B 45 -29.29 6.52 14.39
CA THR B 45 -30.00 6.73 13.14
C THR B 45 -29.53 8.04 12.53
N SER B 46 -30.13 8.41 11.39
CA SER B 46 -29.78 9.66 10.74
C SER B 46 -30.36 10.87 11.45
N GLU B 47 -31.19 10.68 12.48
CA GLU B 47 -31.89 11.77 13.13
C GLU B 47 -31.51 11.96 14.59
N ASP B 48 -30.79 11.03 15.20
CA ASP B 48 -30.39 11.13 16.61
C ASP B 48 -28.88 11.06 16.76
N MET B 49 -28.15 11.76 15.89
CA MET B 49 -26.69 11.68 15.89
C MET B 49 -25.99 13.02 16.06
N LEU B 50 -26.73 14.13 16.13
CA LEU B 50 -26.09 15.40 16.47
C LEU B 50 -25.79 15.47 17.96
N ASN B 51 -26.80 15.22 18.79
CA ASN B 51 -26.63 15.09 20.25
C ASN B 51 -27.09 13.70 20.67
N PRO B 52 -26.31 12.67 20.36
CA PRO B 52 -26.72 11.31 20.70
C PRO B 52 -26.31 10.89 22.11
N ASN B 53 -27.23 10.25 22.80
CA ASN B 53 -26.95 9.57 24.05
C ASN B 53 -26.76 8.08 23.73
N TYR B 54 -25.57 7.56 23.99
CA TYR B 54 -25.23 6.22 23.55
C TYR B 54 -25.57 5.15 24.58
N GLU B 55 -25.58 5.49 25.88
CA GLU B 55 -25.77 4.47 26.90
C GLU B 55 -27.22 3.98 26.96
N ASP B 56 -28.18 4.81 26.56
CA ASP B 56 -29.56 4.34 26.51
C ASP B 56 -29.85 3.61 25.20
N LEU B 57 -29.35 4.15 24.08
CA LEU B 57 -29.58 3.51 22.80
C LEU B 57 -29.17 2.04 22.82
N LEU B 58 -28.20 1.69 23.66
CA LEU B 58 -27.87 0.28 23.87
C LEU B 58 -28.93 -0.41 24.73
N ILE B 59 -29.44 0.28 25.76
CA ILE B 59 -30.47 -0.31 26.59
C ILE B 59 -31.81 -0.39 25.86
N ARG B 60 -31.99 0.43 24.83
CA ARG B 60 -33.18 0.34 23.98
C ARG B 60 -33.03 -0.68 22.87
N LYS B 61 -31.91 -1.40 22.81
CA LYS B 61 -31.69 -2.47 21.85
C LYS B 61 -31.56 -3.80 22.57
N SER B 62 -31.89 -4.87 21.85
CA SER B 62 -31.68 -6.23 22.31
C SER B 62 -30.70 -6.94 21.38
N ASN B 63 -30.41 -8.19 21.69
CA ASN B 63 -29.45 -8.95 20.89
C ASN B 63 -29.95 -9.22 19.49
N HIS B 64 -31.26 -9.40 19.32
CA HIS B 64 -31.81 -9.69 18.00
C HIS B 64 -31.83 -8.46 17.09
N ASN B 65 -31.63 -7.27 17.63
CA ASN B 65 -31.55 -6.07 16.81
C ASN B 65 -30.22 -5.95 16.07
N PHE B 66 -29.21 -6.72 16.46
CA PHE B 66 -27.91 -6.70 15.83
C PHE B 66 -27.80 -7.88 14.86
N LEU B 67 -27.54 -7.58 13.60
CA LEU B 67 -27.43 -8.60 12.55
C LEU B 67 -25.99 -8.62 12.06
N VAL B 68 -25.25 -9.67 12.44
CA VAL B 68 -23.87 -9.87 12.03
C VAL B 68 -23.85 -10.89 10.90
N GLN B 69 -23.23 -10.52 9.78
CA GLN B 69 -23.17 -11.37 8.60
C GLN B 69 -21.73 -11.61 8.21
N ALA B 70 -21.28 -12.87 8.30
CA ALA B 70 -19.93 -13.26 7.91
C ALA B 70 -20.04 -13.94 6.54
N GLY B 71 -20.01 -13.12 5.49
CA GLY B 71 -20.19 -13.63 4.15
C GLY B 71 -21.62 -14.11 3.94
N ASN B 72 -21.81 -15.43 3.95
CA ASN B 72 -23.14 -16.00 3.86
C ASN B 72 -23.72 -16.45 5.19
N VAL B 73 -22.87 -16.68 6.19
CA VAL B 73 -23.35 -17.08 7.51
C VAL B 73 -23.87 -15.85 8.25
N GLN B 74 -25.06 -15.98 8.83
CA GLN B 74 -25.58 -14.98 9.75
C GLN B 74 -25.27 -15.42 11.17
N LEU B 75 -24.47 -14.64 11.88
CA LEU B 75 -24.01 -15.00 13.21
C LEU B 75 -25.03 -14.57 14.25
N ARG B 76 -25.41 -15.51 15.12
CA ARG B 76 -26.40 -15.22 16.15
C ARG B 76 -25.75 -14.47 17.32
N VAL B 77 -26.33 -13.34 17.68
CA VAL B 77 -25.82 -12.51 18.76
C VAL B 77 -26.37 -13.04 20.08
N ILE B 78 -25.49 -13.44 20.98
CA ILE B 78 -25.86 -14.00 22.27
C ILE B 78 -25.42 -13.09 23.42
N GLY B 79 -25.10 -11.84 23.13
CA GLY B 79 -24.69 -10.90 24.16
C GLY B 79 -24.19 -9.60 23.60
N HIS B 80 -24.33 -8.52 24.36
CA HIS B 80 -23.91 -7.20 23.90
C HIS B 80 -23.46 -6.38 25.10
N SER B 81 -22.50 -5.48 24.86
CA SER B 81 -21.98 -4.59 25.88
C SER B 81 -21.29 -3.42 25.19
N MET B 82 -21.07 -2.36 25.95
CA MET B 82 -20.41 -1.15 25.44
C MET B 82 -19.17 -0.87 26.27
N GLN B 83 -18.05 -0.62 25.59
CA GLN B 83 -16.79 -0.25 26.22
C GLN B 83 -16.26 0.98 25.51
N ASN B 84 -16.41 2.15 26.15
CA ASN B 84 -15.98 3.44 25.61
C ASN B 84 -16.77 3.69 24.32
N CYS B 85 -16.14 3.87 23.16
CA CYS B 85 -16.84 4.26 21.95
C CYS B 85 -17.00 3.10 20.97
N VAL B 86 -16.86 1.86 21.42
CA VAL B 86 -17.02 0.70 20.56
C VAL B 86 -18.05 -0.24 21.19
N LEU B 87 -18.60 -1.11 20.36
CA LEU B 87 -19.56 -2.12 20.78
C LEU B 87 -18.91 -3.50 20.73
N LYS B 88 -19.28 -4.35 21.69
CA LYS B 88 -18.78 -5.72 21.76
C LYS B 88 -19.98 -6.65 21.69
N LEU B 89 -20.11 -7.37 20.58
CA LEU B 89 -21.24 -8.27 20.35
C LEU B 89 -20.74 -9.71 20.42
N LYS B 90 -21.11 -10.41 21.48
CA LYS B 90 -20.73 -11.81 21.64
C LYS B 90 -21.60 -12.68 20.75
N VAL B 91 -20.98 -13.40 19.82
CA VAL B 91 -21.71 -14.25 18.89
C VAL B 91 -21.59 -15.70 19.37
N ASP B 92 -22.41 -16.58 18.78
CA ASP B 92 -22.43 -17.98 19.17
C ASP B 92 -21.33 -18.79 18.50
N THR B 93 -20.74 -18.29 17.43
CA THR B 93 -19.74 -19.01 16.66
C THR B 93 -18.41 -18.27 16.74
N ALA B 94 -17.38 -18.95 17.25
CA ALA B 94 -16.04 -18.39 17.28
C ALA B 94 -15.42 -18.42 15.89
N ASN B 95 -14.68 -17.39 15.56
CA ASN B 95 -14.08 -17.27 14.23
C ASN B 95 -12.99 -18.32 14.05
N PRO B 96 -13.15 -19.27 13.12
CA PRO B 96 -12.10 -20.27 12.91
C PRO B 96 -10.84 -19.70 12.27
N LYS B 97 -10.91 -18.51 11.69
CA LYS B 97 -9.76 -17.86 11.08
C LYS B 97 -9.12 -16.81 12.00
N THR B 98 -9.31 -16.94 13.31
CA THR B 98 -8.76 -15.96 14.24
C THR B 98 -7.25 -16.15 14.37
N PRO B 99 -6.44 -15.16 14.01
CA PRO B 99 -4.99 -15.28 14.19
C PRO B 99 -4.60 -14.87 15.61
N LYS B 100 -3.31 -15.00 15.90
CA LYS B 100 -2.79 -14.44 17.15
C LYS B 100 -2.86 -12.92 17.09
N TYR B 101 -3.42 -12.31 18.13
CA TYR B 101 -3.70 -10.89 18.07
C TYR B 101 -3.56 -10.26 19.45
N LYS B 102 -3.24 -8.97 19.46
CA LYS B 102 -3.26 -8.14 20.66
C LYS B 102 -3.95 -6.82 20.34
N PHE B 103 -4.30 -6.10 21.39
CA PHE B 103 -4.82 -4.74 21.27
C PHE B 103 -3.81 -3.77 21.89
N VAL B 104 -3.36 -2.81 21.09
CA VAL B 104 -2.33 -1.87 21.52
C VAL B 104 -2.80 -0.46 21.20
N ARG B 105 -2.31 0.51 21.99
CA ARG B 105 -2.53 1.92 21.75
C ARG B 105 -1.21 2.54 21.33
N ILE B 106 -1.12 2.98 20.08
CA ILE B 106 0.12 3.52 19.54
C ILE B 106 0.28 4.98 19.96
N GLN B 107 1.50 5.48 19.82
CA GLN B 107 1.82 6.88 20.03
C GLN B 107 1.83 7.62 18.71
N PRO B 108 1.67 8.94 18.74
CA PRO B 108 1.74 9.72 17.48
C PRO B 108 3.10 9.54 16.81
N GLY B 109 3.06 9.30 15.50
CA GLY B 109 4.24 9.04 14.70
C GLY B 109 4.36 7.60 14.25
N GLN B 110 3.85 6.66 15.05
CA GLN B 110 3.88 5.25 14.67
C GLN B 110 2.91 4.99 13.53
N THR B 111 3.23 3.99 12.73
CA THR B 111 2.46 3.65 11.54
C THR B 111 1.71 2.34 11.71
N PHE B 112 0.77 2.10 10.81
CA PHE B 112 -0.05 0.89 10.81
C PHE B 112 -0.75 0.79 9.46
N SER B 113 -1.12 -0.44 9.11
CA SER B 113 -1.80 -0.70 7.85
C SER B 113 -3.31 -0.70 8.06
N VAL B 114 -4.02 -0.04 7.14
CA VAL B 114 -5.47 0.14 7.23
C VAL B 114 -6.12 -0.68 6.12
N LEU B 115 -7.01 -1.60 6.50
CA LEU B 115 -7.78 -2.39 5.56
C LEU B 115 -9.15 -1.75 5.42
N ALA B 116 -9.34 -0.99 4.34
CA ALA B 116 -10.61 -0.32 4.10
C ALA B 116 -11.66 -1.33 3.67
N CYS B 117 -12.78 -1.36 4.40
CA CYS B 117 -13.85 -2.32 4.16
C CYS B 117 -15.18 -1.59 3.97
N TYR B 118 -16.07 -2.22 3.23
CA TYR B 118 -17.42 -1.69 3.00
C TYR B 118 -18.39 -2.87 2.95
N ASN B 119 -19.43 -2.80 3.79
CA ASN B 119 -20.39 -3.90 3.93
C ASN B 119 -19.70 -5.20 4.34
N GLY B 120 -18.70 -5.08 5.20
CA GLY B 120 -17.97 -6.23 5.71
C GLY B 120 -16.99 -6.84 4.75
N SER B 121 -16.84 -6.30 3.54
CA SER B 121 -15.92 -6.84 2.55
C SER B 121 -14.72 -5.93 2.39
N PRO B 122 -13.51 -6.45 2.51
CA PRO B 122 -12.32 -5.60 2.35
C PRO B 122 -12.20 -5.06 0.94
N SER B 123 -11.77 -3.81 0.82
CA SER B 123 -11.62 -3.13 -0.46
C SER B 123 -10.18 -2.80 -0.81
N GLY B 124 -9.40 -2.31 0.15
CA GLY B 124 -8.02 -1.95 -0.12
C GLY B 124 -7.24 -1.78 1.17
N VAL B 125 -5.92 -1.80 1.04
CA VAL B 125 -5.01 -1.67 2.16
C VAL B 125 -3.97 -0.61 1.83
N TYR B 126 -3.59 0.19 2.82
CA TYR B 126 -2.61 1.24 2.64
C TYR B 126 -2.02 1.63 4.00
N GLN B 127 -0.78 2.10 3.97
CA GLN B 127 -0.08 2.48 5.18
C GLN B 127 -0.50 3.87 5.63
N CYS B 128 -0.76 4.02 6.93
CA CYS B 128 -1.12 5.29 7.52
C CYS B 128 -0.22 5.57 8.72
N ALA B 129 -0.18 6.84 9.12
CA ALA B 129 0.67 7.27 10.22
C ALA B 129 -0.15 8.10 11.19
N MET B 130 -0.01 7.79 12.48
CA MET B 130 -0.67 8.57 13.53
C MET B 130 -0.07 9.97 13.58
N ARG B 131 -0.78 10.96 13.04
CA ARG B 131 -0.27 12.32 13.05
C ARG B 131 -0.24 12.85 14.48
N PRO B 132 0.66 13.80 14.76
CA PRO B 132 0.74 14.36 16.13
C PRO B 132 -0.54 15.03 16.58
N ASN B 133 -1.35 15.54 15.66
CA ASN B 133 -2.65 16.12 16.01
C ASN B 133 -3.73 15.05 16.17
N PHE B 134 -3.34 13.77 16.22
CA PHE B 134 -4.26 12.66 16.50
C PHE B 134 -5.32 12.52 15.42
N THR B 135 -4.87 12.54 14.16
CA THR B 135 -5.71 12.22 13.01
C THR B 135 -4.90 11.32 12.09
N ILE B 136 -5.54 10.86 11.01
CA ILE B 136 -4.86 10.10 9.96
C ILE B 136 -5.34 10.62 8.61
N LYS B 137 -4.43 10.64 7.64
CA LYS B 137 -4.77 11.02 6.27
C LYS B 137 -5.05 9.75 5.50
N GLY B 138 -6.30 9.29 5.58
CA GLY B 138 -6.73 8.07 4.94
C GLY B 138 -7.66 8.30 3.77
N SER B 139 -8.23 7.21 3.28
CA SER B 139 -9.19 7.22 2.17
C SER B 139 -10.39 6.40 2.60
N PHE B 140 -11.44 7.08 3.06
CA PHE B 140 -12.63 6.43 3.59
C PHE B 140 -13.87 7.04 2.97
N LEU B 141 -14.83 6.19 2.64
CA LEU B 141 -16.14 6.59 2.16
C LEU B 141 -17.19 6.33 3.23
N ASN B 142 -18.45 6.59 2.89
CA ASN B 142 -19.54 6.28 3.81
C ASN B 142 -19.70 4.78 3.95
N GLY B 143 -19.78 4.31 5.19
CA GLY B 143 -19.81 2.89 5.47
C GLY B 143 -18.46 2.27 5.74
N SER B 144 -17.39 3.08 5.85
CA SER B 144 -16.06 2.58 6.14
C SER B 144 -15.79 2.42 7.63
N ALA B 145 -16.71 2.85 8.48
CA ALA B 145 -16.53 2.67 9.91
C ALA B 145 -16.42 1.19 10.25
N GLY B 146 -15.56 0.87 11.22
CA GLY B 146 -15.22 -0.49 11.53
C GLY B 146 -13.96 -0.99 10.88
N SER B 147 -13.47 -0.31 9.84
CA SER B 147 -12.18 -0.63 9.27
C SER B 147 -11.10 -0.45 10.32
N VAL B 148 -10.17 -1.39 10.37
CA VAL B 148 -9.20 -1.48 11.45
C VAL B 148 -7.80 -1.16 10.92
N GLY B 149 -6.96 -0.65 11.81
CA GLY B 149 -5.54 -0.48 11.55
C GLY B 149 -4.76 -1.47 12.38
N PHE B 150 -3.69 -2.03 11.80
CA PHE B 150 -2.99 -3.14 12.44
C PHE B 150 -1.53 -3.14 12.05
N ASN B 151 -0.75 -3.86 12.85
CA ASN B 151 0.64 -4.18 12.55
C ASN B 151 0.86 -5.66 12.80
N ILE B 152 1.67 -6.29 11.95
CA ILE B 152 1.92 -7.73 12.03
C ILE B 152 3.39 -7.96 12.35
N ASP B 153 3.65 -8.54 13.51
CA ASP B 153 4.98 -9.00 13.89
C ASP B 153 4.95 -10.52 13.89
N TYR B 154 5.65 -11.13 12.93
CA TYR B 154 5.56 -12.56 12.67
C TYR B 154 4.13 -12.96 12.36
N ASP B 155 3.47 -13.64 13.30
CA ASP B 155 2.08 -14.07 13.11
C ASP B 155 1.11 -13.35 14.04
N CYS B 156 1.57 -12.33 14.76
CA CYS B 156 0.76 -11.61 15.72
C CYS B 156 0.27 -10.31 15.09
N VAL B 157 -1.05 -10.17 14.98
CA VAL B 157 -1.68 -8.99 14.39
C VAL B 157 -2.06 -8.06 15.53
N SER B 158 -1.27 -7.01 15.73
CA SER B 158 -1.52 -6.05 16.80
C SER B 158 -2.49 -4.99 16.27
N PHE B 159 -3.74 -5.09 16.69
CA PHE B 159 -4.75 -4.11 16.29
C PHE B 159 -4.59 -2.85 17.12
N CYS B 160 -4.58 -1.70 16.44
CA CYS B 160 -4.34 -0.43 17.11
C CYS B 160 -5.25 0.70 16.67
N TYR B 161 -6.14 0.47 15.70
CA TYR B 161 -6.99 1.55 15.21
C TYR B 161 -8.30 0.97 14.71
N MET B 162 -9.36 1.77 14.83
CA MET B 162 -10.66 1.44 14.28
C MET B 162 -11.31 2.73 13.80
N HIS B 163 -11.75 2.75 12.54
CA HIS B 163 -12.27 3.97 11.94
C HIS B 163 -13.67 4.27 12.44
N HIS B 164 -13.98 5.58 12.52
CA HIS B 164 -15.28 6.01 13.02
C HIS B 164 -15.88 7.13 12.18
N MET B 165 -15.16 8.24 12.01
CA MET B 165 -15.73 9.42 11.37
C MET B 165 -14.64 10.15 10.60
N GLU B 166 -15.04 11.24 9.93
CA GLU B 166 -14.16 12.03 9.09
C GLU B 166 -14.29 13.50 9.47
N LEU B 167 -13.16 14.18 9.62
CA LEU B 167 -13.15 15.57 10.00
C LEU B 167 -13.55 16.45 8.82
N PRO B 168 -14.02 17.68 9.08
CA PRO B 168 -14.42 18.56 7.97
C PRO B 168 -13.28 18.98 7.06
N THR B 169 -12.02 18.79 7.47
CA THR B 169 -10.89 19.16 6.63
C THR B 169 -10.43 18.05 5.70
N GLY B 170 -11.02 16.85 5.80
CA GLY B 170 -10.67 15.73 4.96
C GLY B 170 -9.97 14.60 5.69
N VAL B 171 -9.41 14.87 6.87
CA VAL B 171 -8.72 13.83 7.65
C VAL B 171 -9.75 13.02 8.41
N HIS B 172 -9.30 11.95 9.07
CA HIS B 172 -10.18 11.01 9.73
C HIS B 172 -9.74 10.82 11.18
N ALA B 173 -10.69 10.35 12.00
CA ALA B 173 -10.44 10.10 13.42
C ALA B 173 -11.06 8.78 13.81
N GLY B 174 -10.40 8.09 14.74
CA GLY B 174 -10.89 6.80 15.19
C GLY B 174 -10.41 6.50 16.58
N THR B 175 -10.75 5.30 17.05
CA THR B 175 -10.40 4.83 18.38
C THR B 175 -9.54 3.58 18.30
N ASP B 176 -8.96 3.21 19.44
CA ASP B 176 -8.30 1.92 19.56
C ASP B 176 -9.35 0.83 19.68
N LEU B 177 -8.90 -0.41 19.81
CA LEU B 177 -9.82 -1.53 19.95
C LEU B 177 -10.41 -1.64 21.35
N GLU B 178 -10.22 -0.62 22.20
CA GLU B 178 -10.87 -0.53 23.48
C GLU B 178 -11.88 0.61 23.56
N GLY B 179 -12.07 1.34 22.46
CA GLY B 179 -13.04 2.42 22.39
C GLY B 179 -12.48 3.80 22.63
N ASN B 180 -11.28 3.90 23.20
CA ASN B 180 -10.70 5.20 23.50
C ASN B 180 -10.26 5.89 22.23
N PHE B 181 -10.82 7.08 21.98
CA PHE B 181 -10.51 7.84 20.79
C PHE B 181 -9.04 8.29 20.79
N TYR B 182 -8.57 8.68 19.61
CA TYR B 182 -7.24 9.27 19.45
C TYR B 182 -7.42 10.79 19.32
N GLY B 183 -7.28 11.49 20.44
CA GLY B 183 -7.38 12.93 20.43
C GLY B 183 -8.60 13.45 21.20
N PRO B 184 -8.93 14.72 21.00
CA PRO B 184 -10.06 15.31 21.72
C PRO B 184 -11.36 15.18 20.97
N PHE B 185 -11.55 14.08 20.25
CA PHE B 185 -12.68 13.89 19.37
C PHE B 185 -13.71 12.96 20.00
N VAL B 186 -14.98 13.19 19.64
CA VAL B 186 -16.10 12.40 20.13
C VAL B 186 -16.94 11.95 18.94
N ASP B 187 -17.64 10.83 19.12
CA ASP B 187 -18.43 10.24 18.04
C ASP B 187 -19.83 10.86 18.02
N ARG B 188 -19.85 12.14 17.64
CA ARG B 188 -21.10 12.86 17.42
C ARG B 188 -20.84 13.99 16.44
N GLN B 189 -21.86 14.31 15.64
CA GLN B 189 -21.71 15.29 14.57
C GLN B 189 -21.75 16.74 15.07
N THR B 190 -21.07 17.02 16.17
CA THR B 190 -20.92 18.39 16.65
C THR B 190 -19.73 19.06 15.96
N ALA B 191 -19.66 20.38 16.11
CA ALA B 191 -18.58 21.15 15.49
C ALA B 191 -17.24 20.77 16.10
N GLN B 192 -16.48 19.94 15.39
CA GLN B 192 -15.15 19.52 15.83
C GLN B 192 -14.12 19.92 14.78
N ALA B 193 -12.93 20.26 15.26
CA ALA B 193 -11.83 20.62 14.38
C ALA B 193 -10.53 20.12 14.99
N ALA B 194 -9.68 19.54 14.14
CA ALA B 194 -8.39 19.02 14.59
C ALA B 194 -7.42 20.17 14.86
N GLY B 195 -6.57 19.96 15.87
CA GLY B 195 -5.54 20.92 16.16
C GLY B 195 -4.52 21.05 15.04
N THR B 196 -3.68 22.06 15.15
CA THR B 196 -2.66 22.31 14.13
C THR B 196 -1.65 21.18 14.12
N ASP B 197 -1.50 20.54 12.96
CA ASP B 197 -0.67 19.34 12.83
C ASP B 197 0.80 19.71 12.69
N THR B 198 1.66 18.98 13.40
CA THR B 198 3.10 19.12 13.30
C THR B 198 3.68 18.02 12.41
N THR B 199 5.00 18.06 12.24
CA THR B 199 5.70 17.13 11.38
C THR B 199 6.51 16.15 12.23
N ILE B 200 6.35 14.86 11.96
CA ILE B 200 7.10 13.84 12.67
C ILE B 200 8.57 13.92 12.24
N THR B 201 9.46 14.19 13.20
CA THR B 201 10.85 14.45 12.88
C THR B 201 11.63 13.18 12.62
N VAL B 202 11.52 12.19 13.52
CA VAL B 202 12.25 10.94 13.34
C VAL B 202 11.85 10.27 12.04
N ASN B 203 10.64 10.54 11.56
CA ASN B 203 10.17 9.91 10.33
C ASN B 203 10.86 10.48 9.10
N VAL B 204 11.08 11.80 9.08
CA VAL B 204 11.83 12.38 7.96
C VAL B 204 13.29 11.97 8.03
N LEU B 205 13.88 11.97 9.23
CA LEU B 205 15.27 11.58 9.38
C LEU B 205 15.47 10.11 8.98
N ALA B 206 14.54 9.24 9.37
CA ALA B 206 14.61 7.85 8.91
C ALA B 206 14.35 7.76 7.42
N TRP B 207 13.45 8.61 6.91
CA TRP B 207 13.21 8.64 5.47
C TRP B 207 14.44 9.16 4.73
N LEU B 208 15.17 10.10 5.33
CA LEU B 208 16.41 10.57 4.72
C LEU B 208 17.47 9.46 4.69
N TYR B 209 17.52 8.65 5.75
CA TYR B 209 18.47 7.55 5.78
C TYR B 209 18.16 6.50 4.72
N ALA B 210 16.86 6.27 4.46
CA ALA B 210 16.49 5.33 3.40
C ALA B 210 16.92 5.82 2.03
N ALA B 211 17.06 7.13 1.86
CA ALA B 211 17.50 7.66 0.57
C ALA B 211 19.00 7.46 0.38
N VAL B 212 19.78 7.55 1.46
CA VAL B 212 21.22 7.34 1.36
C VAL B 212 21.53 5.92 0.91
N ILE B 213 20.71 4.96 1.36
CA ILE B 213 20.91 3.57 0.96
C ILE B 213 20.60 3.40 -0.53
N ASN B 214 19.63 4.15 -1.05
CA ASN B 214 19.20 4.01 -2.43
C ASN B 214 19.93 4.96 -3.39
N GLY B 215 21.00 5.61 -2.93
CA GLY B 215 21.85 6.42 -3.78
C GLY B 215 21.70 7.91 -3.58
N ASP B 216 20.52 8.37 -3.14
CA ASP B 216 20.26 9.80 -2.99
C ASP B 216 21.05 10.34 -1.81
N ARG B 217 22.05 11.19 -2.09
CA ARG B 217 22.84 11.80 -1.03
C ARG B 217 23.14 13.27 -1.31
N TRP B 218 22.49 13.89 -2.29
CA TRP B 218 22.76 15.28 -2.61
C TRP B 218 22.41 16.22 -1.47
N PHE B 219 21.61 15.78 -0.51
CA PHE B 219 21.23 16.60 0.63
C PHE B 219 22.19 16.47 1.80
N LEU B 220 23.15 15.55 1.73
CA LEU B 220 24.15 15.42 2.78
C LEU B 220 25.11 16.60 2.76
N ASN B 221 25.75 16.85 3.91
CA ASN B 221 26.71 17.93 4.02
C ASN B 221 27.73 17.62 5.11
N ARG B 222 28.59 18.60 5.36
CA ARG B 222 29.67 18.55 6.35
C ARG B 222 29.29 19.19 7.67
N PHE B 223 28.19 19.94 7.71
CA PHE B 223 27.82 20.67 8.91
C PHE B 223 27.46 19.70 10.02
N THR B 224 27.96 19.98 11.22
CA THR B 224 27.52 19.32 12.44
C THR B 224 27.04 20.38 13.41
N THR B 225 25.87 20.15 14.01
CA THR B 225 25.25 21.10 14.91
C THR B 225 24.87 20.39 16.20
N THR B 226 24.24 21.12 17.10
CA THR B 226 23.80 20.59 18.38
C THR B 226 22.31 20.31 18.36
N LEU B 227 21.86 19.46 19.28
CA LEU B 227 20.46 19.07 19.34
C LEU B 227 19.57 20.28 19.60
N ASN B 228 19.94 21.11 20.57
CA ASN B 228 19.13 22.27 20.91
C ASN B 228 19.10 23.28 19.77
N ASP B 229 20.26 23.58 19.18
CA ASP B 229 20.29 24.49 18.05
C ASP B 229 19.52 23.93 16.86
N PHE B 230 19.57 22.60 16.66
CA PHE B 230 18.70 21.99 15.67
C PHE B 230 17.23 22.10 16.10
N ASN B 231 16.97 21.95 17.39
CA ASN B 231 15.61 22.16 17.90
C ASN B 231 15.24 23.63 17.87
N LEU B 232 16.20 24.52 18.16
CA LEU B 232 15.94 25.95 18.02
C LEU B 232 15.60 26.34 16.59
N VAL B 233 15.92 25.48 15.62
CA VAL B 233 15.45 25.63 14.25
C VAL B 233 14.38 24.60 13.91
N ALA B 234 14.25 23.51 14.67
CA ALA B 234 13.14 22.59 14.47
C ALA B 234 11.82 23.22 14.87
N MET B 235 11.72 23.70 16.11
CA MET B 235 10.52 24.40 16.57
C MET B 235 10.28 25.70 15.80
N LYS B 236 11.26 26.17 15.04
CA LYS B 236 11.04 27.34 14.19
C LYS B 236 10.08 27.00 13.06
N TYR B 237 10.38 25.96 12.30
CA TYR B 237 9.44 25.34 11.38
C TYR B 237 8.51 24.38 12.12
N ASN B 238 8.38 24.61 13.43
CA ASN B 238 7.87 23.71 14.46
C ASN B 238 7.72 22.26 14.00
N TYR B 239 8.83 21.71 13.51
CA TYR B 239 9.01 20.27 13.54
C TYR B 239 8.96 19.79 14.99
N GLU B 240 8.43 18.59 15.20
CA GLU B 240 8.24 18.10 16.57
C GLU B 240 9.58 18.06 17.30
N PRO B 241 9.61 18.44 18.57
CA PRO B 241 10.86 18.41 19.33
C PRO B 241 11.50 17.03 19.29
N LEU B 242 12.75 16.97 18.83
CA LEU B 242 13.51 15.74 18.78
C LEU B 242 14.14 15.47 20.15
N THR B 243 13.95 14.25 20.66
CA THR B 243 14.44 13.86 21.95
C THR B 243 15.73 13.05 21.81
N GLN B 244 16.34 12.70 22.95
CA GLN B 244 17.50 11.83 22.92
C GLN B 244 17.10 10.37 22.74
N ASP B 245 15.91 9.99 23.18
CA ASP B 245 15.36 8.70 22.80
C ASP B 245 15.18 8.61 21.29
N HIS B 246 14.84 9.74 20.66
CA HIS B 246 14.69 9.78 19.21
C HIS B 246 16.02 9.57 18.51
N VAL B 247 17.08 10.21 19.01
CA VAL B 247 18.42 10.00 18.45
C VAL B 247 18.89 8.57 18.71
N ASP B 248 18.35 7.92 19.73
CA ASP B 248 18.77 6.56 20.05
C ASP B 248 18.22 5.55 19.05
N ILE B 249 16.94 5.69 18.67
CA ILE B 249 16.35 4.71 17.74
C ILE B 249 16.91 4.91 16.34
N LEU B 250 17.35 6.11 16.00
CA LEU B 250 18.01 6.36 14.72
C LEU B 250 19.45 5.86 14.69
N GLY B 251 19.92 5.26 15.77
CA GLY B 251 21.27 4.74 15.84
C GLY B 251 21.55 3.62 14.85
N PRO B 252 20.77 2.54 14.92
CA PRO B 252 20.95 1.45 13.93
C PRO B 252 20.98 1.92 12.49
N LEU B 253 20.17 2.92 12.14
CA LEU B 253 20.23 3.48 10.79
C LEU B 253 21.46 4.36 10.61
N SER B 254 21.93 5.00 11.69
CA SER B 254 23.11 5.85 11.59
C SER B 254 24.39 5.01 11.49
N ALA B 255 24.41 3.84 12.11
CA ALA B 255 25.59 2.98 12.03
C ALA B 255 25.70 2.31 10.68
N GLN B 256 24.58 1.97 10.05
CA GLN B 256 24.61 1.35 8.73
C GLN B 256 25.12 2.32 7.68
N THR B 257 24.91 3.62 7.86
CA THR B 257 25.35 4.62 6.91
C THR B 257 26.61 5.35 7.36
N GLY B 258 27.05 5.16 8.60
CA GLY B 258 28.18 5.88 9.13
C GLY B 258 27.96 7.36 9.38
N ILE B 259 26.78 7.87 9.05
CA ILE B 259 26.45 9.28 9.24
C ILE B 259 25.86 9.45 10.64
N ALA B 260 26.51 10.27 11.46
CA ALA B 260 26.00 10.53 12.80
C ALA B 260 24.63 11.19 12.74
N VAL B 261 23.83 10.97 13.78
CA VAL B 261 22.48 11.52 13.82
C VAL B 261 22.51 13.04 13.79
N LEU B 262 23.44 13.64 14.54
CA LEU B 262 23.54 15.08 14.57
C LEU B 262 23.94 15.65 13.21
N ASP B 263 24.72 14.88 12.44
CA ASP B 263 25.07 15.33 11.09
C ASP B 263 23.87 15.34 10.16
N MET B 264 22.93 14.41 10.35
CA MET B 264 21.72 14.39 9.54
C MET B 264 20.76 15.50 9.93
N CYS B 265 20.75 15.89 11.21
CA CYS B 265 19.95 17.04 11.63
C CYS B 265 20.41 18.32 10.94
N ALA B 266 21.71 18.44 10.68
CA ALA B 266 22.21 19.58 9.92
C ALA B 266 21.82 19.46 8.45
N SER B 267 21.84 18.24 7.91
CA SER B 267 21.34 18.02 6.55
C SER B 267 19.85 18.31 6.46
N LEU B 268 19.11 18.07 7.55
CA LEU B 268 17.69 18.41 7.59
C LEU B 268 17.49 19.92 7.68
N LYS B 269 18.35 20.61 8.45
CA LYS B 269 18.21 22.05 8.63
C LYS B 269 18.35 22.78 7.30
N GLU B 270 19.48 22.57 6.62
CA GLU B 270 19.71 23.23 5.34
C GLU B 270 18.64 22.91 4.31
N LEU B 271 17.92 21.79 4.49
CA LEU B 271 16.86 21.45 3.55
C LEU B 271 15.64 22.35 3.73
N LEU B 272 15.42 22.88 4.93
CA LEU B 272 14.29 23.75 5.20
C LEU B 272 14.55 25.20 4.86
N GLN B 273 15.82 25.60 4.70
CA GLN B 273 16.16 26.97 4.35
C GLN B 273 16.21 27.19 2.84
N ASN B 274 16.80 26.25 2.10
CA ASN B 274 16.96 26.38 0.66
C ASN B 274 15.93 25.61 -0.15
N GLY B 275 15.30 24.59 0.45
CA GLY B 275 14.35 23.78 -0.29
C GLY B 275 15.05 22.66 -1.07
N MET B 276 14.45 22.30 -2.21
CA MET B 276 14.99 21.26 -3.08
C MET B 276 15.70 21.82 -4.31
N ASN B 277 15.22 22.93 -4.85
CA ASN B 277 15.76 23.52 -6.07
C ASN B 277 15.69 22.53 -7.24
N GLY B 278 14.47 22.07 -7.50
CA GLY B 278 14.22 21.19 -8.63
C GLY B 278 14.71 19.77 -8.48
N ARG B 279 15.07 19.35 -7.28
CA ARG B 279 15.58 18.00 -7.04
C ARG B 279 14.59 17.21 -6.20
N THR B 280 14.59 15.89 -6.42
CA THR B 280 13.70 14.98 -5.71
C THR B 280 14.49 14.07 -4.79
N ILE B 281 13.81 13.57 -3.76
CA ILE B 281 14.39 12.63 -2.82
C ILE B 281 13.47 11.40 -2.80
N LEU B 282 14.00 10.27 -3.26
CA LEU B 282 13.25 9.01 -3.33
C LEU B 282 11.99 9.16 -4.17
N GLY B 283 12.07 9.97 -5.23
CA GLY B 283 10.95 10.19 -6.12
C GLY B 283 9.95 11.21 -5.65
N SER B 284 10.07 11.72 -4.43
CA SER B 284 9.15 12.71 -3.90
C SER B 284 9.85 14.06 -3.82
N ALA B 285 9.10 15.12 -4.16
CA ALA B 285 9.62 16.48 -4.11
C ALA B 285 9.40 17.16 -2.77
N LEU B 286 8.98 16.41 -1.74
CA LEU B 286 8.73 16.97 -0.42
C LEU B 286 9.24 16.00 0.64
N LEU B 287 9.40 16.51 1.87
CA LEU B 287 9.87 15.67 2.97
C LEU B 287 8.72 14.77 3.44
N GLU B 288 8.91 13.46 3.33
CA GLU B 288 7.90 12.50 3.75
C GLU B 288 8.13 12.12 5.21
N ASP B 289 7.10 12.30 6.04
CA ASP B 289 7.18 11.99 7.46
C ASP B 289 6.25 10.86 7.87
N GLU B 290 5.90 9.97 6.93
CA GLU B 290 5.01 8.86 7.21
C GLU B 290 5.74 7.53 7.31
N PHE B 291 7.06 7.56 7.48
CA PHE B 291 7.89 6.35 7.49
C PHE B 291 8.61 6.26 8.84
N THR B 292 8.30 5.22 9.60
CA THR B 292 8.92 4.95 10.88
C THR B 292 10.31 4.34 10.68
N PRO B 293 11.27 4.67 11.56
CA PRO B 293 12.58 3.98 11.52
C PRO B 293 12.47 2.47 11.42
N PHE B 294 11.50 1.86 12.10
CA PHE B 294 11.27 0.42 11.96
C PHE B 294 10.83 0.08 10.54
N ASP B 295 10.02 0.95 9.92
CA ASP B 295 9.57 0.70 8.56
C ASP B 295 10.74 0.74 7.57
N VAL B 296 11.76 1.55 7.85
CA VAL B 296 12.90 1.66 6.93
C VAL B 296 13.78 0.42 7.05
N VAL B 297 14.08 0.00 8.28
CA VAL B 297 14.93 -1.17 8.47
C VAL B 297 14.23 -2.42 7.94
N ARG B 298 12.91 -2.50 8.13
CA ARG B 298 12.15 -3.65 7.62
C ARG B 298 12.22 -3.74 6.10
N GLN B 299 12.30 -2.60 5.41
CA GLN B 299 12.30 -2.57 3.96
C GLN B 299 13.71 -2.51 3.38
N CYS B 300 14.61 -1.72 3.98
CA CYS B 300 15.95 -1.57 3.42
C CYS B 300 16.86 -2.73 3.81
N SER B 301 16.71 -3.25 5.01
CA SER B 301 17.52 -4.36 5.49
C SER B 301 16.69 -5.64 5.48
N GLY B 302 17.31 -6.73 5.93
CA GLY B 302 16.67 -8.04 5.93
C GLY B 302 15.42 -8.14 6.78
N VAL C 1 23.20 -5.72 -12.22
CA VAL C 1 22.17 -6.65 -12.64
C VAL C 1 22.19 -7.89 -11.75
N LYS C 2 21.16 -8.03 -10.92
CA LYS C 2 21.07 -9.12 -9.95
C LYS C 2 19.76 -9.86 -10.12
N LEU C 3 19.84 -11.17 -10.37
CA LEU C 3 18.68 -12.05 -10.31
C LEU C 3 18.34 -12.29 -8.85
N GLN C 4 17.17 -11.83 -8.41
CA GLN C 4 16.86 -11.70 -6.98
C GLN C 4 16.35 -12.99 -6.36
N ALA C 5 17.08 -14.08 -6.57
CA ALA C 5 16.89 -15.31 -5.83
C ALA C 5 18.04 -15.49 -4.86
N ILE C 6 17.82 -16.30 -3.83
CA ILE C 6 18.84 -16.55 -2.82
C ILE C 6 19.73 -17.68 -3.33
N PHE C 7 20.99 -17.35 -3.59
CA PHE C 7 22.01 -18.31 -4.01
C PHE C 7 22.94 -18.56 -2.83
N ARG C 8 23.22 -19.83 -2.55
CA ARG C 8 24.07 -20.19 -1.43
C ARG C 8 25.34 -20.90 -1.91
N VAL D 1 -18.04 17.37 10.56
CA VAL D 1 -17.79 16.03 11.08
C VAL D 1 -18.88 15.10 10.58
N LYS D 2 -18.48 14.03 9.90
CA LYS D 2 -19.39 13.06 9.31
C LYS D 2 -19.05 11.68 9.83
N LEU D 3 -20.04 11.02 10.44
CA LEU D 3 -19.87 9.64 10.88
C LEU D 3 -19.93 8.73 9.66
N GLN D 4 -18.85 7.99 9.41
CA GLN D 4 -18.69 7.27 8.15
C GLN D 4 -19.27 5.86 8.20
N ALA D 5 -20.53 5.76 8.62
CA ALA D 5 -21.34 4.57 8.44
C ALA D 5 -22.46 4.89 7.46
N ILE D 6 -23.00 3.84 6.85
CA ILE D 6 -24.09 4.01 5.89
C ILE D 6 -25.40 4.12 6.68
N PHE D 7 -26.02 5.30 6.62
CA PHE D 7 -27.31 5.52 7.25
C PHE D 7 -28.39 5.50 6.17
N ARG D 8 -29.43 4.69 6.38
CA ARG D 8 -30.57 4.67 5.48
C ARG D 8 -31.87 4.87 6.24
#